data_5BQE
#
_entry.id   5BQE
#
_cell.length_a   98.920
_cell.length_b   98.920
_cell.length_c   120.420
_cell.angle_alpha   90.000
_cell.angle_beta   90.000
_cell.angle_gamma   90.000
#
_symmetry.space_group_name_H-M   'P 43 2 2'
#
loop_
_entity.id
_entity.type
_entity.pdbx_description
1 polymer Norrin
2 polymer Norrin
3 polymer Frizzled-4
4 non-polymer 2-(2-METHOXYETHOXY)ETHANOL
5 non-polymer 2-acetamido-2-deoxy-beta-D-glucopyranose
6 non-polymer 'CHLORIDE ION'
7 water water
#
loop_
_entity_poly.entity_id
_entity_poly.type
_entity_poly.pdbx_seq_one_letter_code
_entity_poly.pdbx_strand_id
1 'polypeptide(L)'
;GPGKTDSSFIMDSDPRRCMRHHYVDSISHPLYKCSSKMVLLARCEGHCSQASRSEPLVSFSTVLKQPFRSSCHCCRPQTS
KLKALRLRCSGGMRLTATYRYILSCHCEECNSGTETSQVAPA
;
A
2 'polypeptide(L)'
;GPGKTDSSFIMDSDPRRCMRHHYVDSISHPLYKCSS(MLY)MVLLARCEGHCSQASRSEPLVSFSTVL(MLY)QPFRSSC
HCCRPQTS(MLY)L(MLY)ALRLRCSGGMRLTATYRYILSCHCEECNSGTETSQVAPA
;
B
3 'polypeptide(L)'
;DTGERRCDPIRISMCQNLGYNVT(MLY)MPNLVGHELQTDAELQLTTFTPLIQYGCSSQLQFFLCSVYVPMCTEKINIPI
GPCGGMCLSV(MLY)RRCEPVLKEFGFAWPESLNCSKFPPQNDHNHMCMEGPGDEEVPLPHKTPIQPGEGTLEVLFQ
;
C
#
# COMPACT_ATOMS: atom_id res chain seq x y z
N ASP A 12 -10.64 -2.01 -16.16
CA ASP A 12 -9.20 -2.08 -15.95
C ASP A 12 -8.85 -1.39 -14.66
N SER A 13 -7.79 -1.88 -14.04
CA SER A 13 -7.37 -1.36 -12.74
C SER A 13 -6.11 -0.50 -12.90
N ASP A 14 -6.09 0.63 -12.20
CA ASP A 14 -4.97 1.57 -12.28
C ASP A 14 -3.73 0.95 -11.64
N PRO A 15 -2.66 0.73 -12.43
CA PRO A 15 -1.45 0.13 -11.83
C PRO A 15 -0.74 1.05 -10.83
N ARG A 16 -1.23 2.28 -10.68
CA ARG A 16 -0.57 3.27 -9.84
C ARG A 16 -1.17 3.36 -8.43
N ARG A 17 -2.35 2.77 -8.24
CA ARG A 17 -3.03 2.86 -6.94
C ARG A 17 -2.24 2.16 -5.85
N CYS A 18 -2.49 2.51 -4.61
CA CYS A 18 -1.90 1.81 -3.51
C CYS A 18 -2.50 0.43 -3.48
N MET A 19 -1.69 -0.59 -3.66
CA MET A 19 -2.19 -1.94 -3.68
C MET A 19 -1.21 -2.98 -3.16
N ARG A 20 -1.71 -4.17 -2.90
CA ARG A 20 -0.94 -5.25 -2.39
C ARG A 20 -0.34 -6.02 -3.53
N HIS A 21 0.96 -6.20 -3.51
CA HIS A 21 1.68 -7.02 -4.48
C HIS A 21 2.12 -8.32 -3.84
N HIS A 22 2.11 -9.40 -4.59
CA HIS A 22 2.47 -10.71 -4.09
C HIS A 22 3.78 -11.22 -4.63
N TYR A 23 4.54 -11.90 -3.79
CA TYR A 23 5.83 -12.43 -4.16
C TYR A 23 6.29 -13.50 -3.21
N VAL A 24 7.10 -14.44 -3.69
CA VAL A 24 7.69 -15.43 -2.81
C VAL A 24 9.16 -15.07 -2.55
N ASP A 25 9.62 -15.35 -1.36
CA ASP A 25 10.99 -15.08 -0.99
C ASP A 25 11.48 -16.15 -0.05
N SER A 26 12.77 -16.13 0.28
CA SER A 26 13.36 -17.13 1.14
C SER A 26 13.62 -16.59 2.53
N ILE A 27 13.19 -17.33 3.55
CA ILE A 27 13.50 -17.00 4.93
C ILE A 27 14.79 -17.69 5.34
N SER A 28 15.83 -16.90 5.60
CA SER A 28 17.11 -17.44 6.05
C SER A 28 17.67 -16.56 7.15
N HIS A 29 18.42 -17.14 8.06
CA HIS A 29 19.09 -16.33 9.06
C HIS A 29 20.24 -15.61 8.44
N PRO A 30 20.34 -14.32 8.66
CA PRO A 30 21.37 -13.54 7.95
C PRO A 30 22.80 -13.92 8.33
N LEU A 31 22.96 -14.77 9.35
CA LEU A 31 24.28 -15.22 9.79
C LEU A 31 24.33 -16.73 10.03
N TYR A 32 23.67 -17.19 11.05
CA TYR A 32 23.78 -18.59 11.37
C TYR A 32 23.49 -19.35 10.11
N LYS A 33 23.77 -20.65 10.12
CA LYS A 33 23.65 -21.43 8.92
C LYS A 33 22.49 -22.37 9.03
N CYS A 34 21.51 -22.20 8.16
CA CYS A 34 20.23 -22.82 8.34
C CYS A 34 19.53 -23.31 7.11
N SER A 35 18.52 -24.11 7.37
CA SER A 35 17.61 -24.59 6.38
C SER A 35 16.63 -23.53 5.91
N SER A 36 16.97 -22.81 4.86
CA SER A 36 16.08 -21.81 4.26
C SER A 36 14.70 -22.40 3.98
N LYS A 37 13.68 -21.54 3.98
CA LYS A 37 12.31 -21.99 3.75
C LYS A 37 11.58 -21.02 2.83
N MET A 38 10.91 -21.56 1.83
CA MET A 38 10.18 -20.74 0.86
C MET A 38 8.85 -20.32 1.45
N VAL A 39 8.46 -19.08 1.17
CA VAL A 39 7.29 -18.49 1.80
C VAL A 39 6.64 -17.43 0.89
N LEU A 40 5.32 -17.36 0.94
CA LEU A 40 4.58 -16.37 0.16
C LEU A 40 4.35 -15.12 0.98
N LEU A 41 4.72 -13.98 0.41
CA LEU A 41 4.61 -12.70 1.09
C LEU A 41 3.82 -11.68 0.27
N ALA A 42 3.45 -10.59 0.91
CA ALA A 42 2.83 -9.47 0.22
C ALA A 42 3.46 -8.16 0.68
N ARG A 43 3.44 -7.16 -0.18
CA ARG A 43 3.96 -5.85 0.12
C ARG A 43 3.05 -4.76 -0.42
N CYS A 44 3.14 -3.57 0.16
CA CYS A 44 2.34 -2.44 -0.29
C CYS A 44 3.17 -1.59 -1.24
N GLU A 45 2.53 -1.07 -2.30
CA GLU A 45 3.19 -0.14 -3.20
C GLU A 45 2.17 0.62 -4.03
N GLY A 46 2.48 1.87 -4.36
CA GLY A 46 1.59 2.68 -5.19
C GLY A 46 1.59 4.14 -4.81
N HIS A 47 0.72 4.90 -5.47
CA HIS A 47 0.61 6.34 -5.23
C HIS A 47 -0.73 6.69 -4.61
N CYS A 48 -0.69 7.29 -3.43
CA CYS A 48 -1.89 7.75 -2.81
C CYS A 48 -2.44 8.91 -3.60
N SER A 49 -3.74 9.12 -3.55
CA SER A 49 -4.37 10.12 -4.40
C SER A 49 -4.24 11.53 -3.82
N GLN A 50 -4.22 11.62 -2.51
CA GLN A 50 -4.07 12.88 -1.86
C GLN A 50 -2.71 13.50 -2.12
N ALA A 51 -2.68 14.76 -2.48
CA ALA A 51 -1.44 15.44 -2.69
C ALA A 51 -0.83 15.69 -1.35
N SER A 52 0.48 15.73 -1.30
CA SER A 52 1.15 16.12 -0.08
C SER A 52 1.40 17.61 -0.06
N ARG A 53 1.47 18.18 1.13
CA ARG A 53 1.72 19.59 1.28
C ARG A 53 2.38 19.97 2.57
N SER A 54 2.88 21.19 2.62
CA SER A 54 3.47 21.74 3.82
C SER A 54 3.29 23.25 3.85
N GLU A 55 2.79 23.76 4.98
CA GLU A 55 2.45 25.17 5.12
C GLU A 55 3.24 25.78 6.28
N PRO A 56 3.59 27.04 6.19
CA PRO A 56 4.22 27.68 7.33
C PRO A 56 3.21 27.96 8.41
N LEU A 57 3.65 27.92 9.65
CA LEU A 57 2.83 28.33 10.77
C LEU A 57 3.34 29.66 11.21
N VAL A 58 2.45 30.53 11.63
CA VAL A 58 2.86 31.86 12.03
C VAL A 58 2.89 31.98 13.54
N SER A 59 3.98 32.49 14.07
CA SER A 59 4.15 32.59 15.51
C SER A 59 4.44 33.97 16.02
N PHE A 60 3.70 34.39 17.02
CA PHE A 60 4.04 35.59 17.73
C PHE A 60 4.91 35.31 18.93
N SER A 61 4.96 34.06 19.32
CA SER A 61 5.50 33.71 20.59
C SER A 61 6.99 33.76 20.42
N THR A 62 7.69 33.16 21.36
CA THR A 62 9.11 33.12 21.27
C THR A 62 9.46 32.40 20.02
N VAL A 63 10.40 32.96 19.25
CA VAL A 63 11.03 32.24 18.16
C VAL A 63 9.95 31.63 17.29
N LEU A 64 10.04 30.34 17.00
CA LEU A 64 9.00 29.59 16.32
C LEU A 64 9.14 28.22 16.94
N LYS A 65 8.18 27.33 16.77
CA LYS A 65 8.32 26.01 17.39
C LYS A 65 8.61 24.94 16.37
N GLN A 66 7.54 24.42 15.79
CA GLN A 66 7.63 23.60 14.62
C GLN A 66 7.21 24.54 13.53
N PRO A 67 8.20 24.77 12.56
CA PRO A 67 7.84 25.82 11.60
C PRO A 67 6.72 25.49 10.62
N PHE A 68 6.48 24.23 10.33
CA PHE A 68 5.55 23.88 9.29
C PHE A 68 4.48 22.94 9.75
N ARG A 69 3.37 22.95 9.06
CA ARG A 69 2.28 22.05 9.29
C ARG A 69 2.05 21.31 8.00
N SER A 70 2.08 20.00 8.01
CA SER A 70 2.05 19.26 6.77
C SER A 70 1.20 18.01 6.72
N SER A 71 0.84 17.58 5.54
CA SER A 71 0.10 16.35 5.34
C SER A 71 0.71 15.57 4.18
N CYS A 72 0.83 14.26 4.35
CA CYS A 72 1.39 13.40 3.33
C CYS A 72 0.91 11.99 3.48
N HIS A 73 0.41 11.42 2.41
CA HIS A 73 -0.13 10.08 2.47
C HIS A 73 0.80 9.00 1.93
N CYS A 74 0.95 7.93 2.69
CA CYS A 74 1.87 6.86 2.33
C CYS A 74 1.14 5.53 2.20
N CYS A 75 1.51 4.76 1.19
CA CYS A 75 0.93 3.44 1.00
C CYS A 75 1.53 2.49 2.03
N ARG A 76 0.68 1.98 2.91
CA ARG A 76 1.14 1.18 4.04
C ARG A 76 0.20 0.01 4.33
N PRO A 77 0.71 -1.02 5.01
CA PRO A 77 -0.15 -2.14 5.41
C PRO A 77 -1.23 -1.71 6.39
N GLN A 78 -2.47 -2.12 6.11
CA GLN A 78 -3.62 -1.77 6.94
C GLN A 78 -3.87 -2.88 7.95
N THR A 79 -3.88 -4.12 7.45
CA THR A 79 -3.97 -5.30 8.30
C THR A 79 -2.93 -6.32 7.87
N SER A 80 -2.52 -7.17 8.81
CA SER A 80 -1.54 -8.21 8.50
C SER A 80 -1.66 -9.36 9.48
N LYS A 81 -1.23 -10.54 9.03
CA LYS A 81 -1.19 -11.73 9.88
C LYS A 81 0.20 -11.91 10.46
N LEU A 82 0.27 -12.11 11.78
CA LEU A 82 1.53 -12.37 12.44
C LEU A 82 1.91 -13.84 12.29
N LYS A 83 2.99 -14.10 11.55
CA LYS A 83 3.43 -15.47 11.30
C LYS A 83 4.72 -15.81 12.05
N ALA A 84 4.83 -17.07 12.45
CA ALA A 84 6.04 -17.59 13.05
C ALA A 84 6.36 -18.95 12.43
N LEU A 85 7.63 -19.20 12.19
CA LEU A 85 8.05 -20.49 11.65
C LEU A 85 9.40 -20.86 12.26
N ARG A 86 9.76 -22.14 12.17
CA ARG A 86 11.01 -22.63 12.76
C ARG A 86 11.96 -23.17 11.69
N LEU A 87 13.20 -22.69 11.72
CA LEU A 87 14.25 -23.19 10.85
C LEU A 87 15.11 -24.21 11.58
N ARG A 88 15.62 -25.20 10.86
CA ARG A 88 16.56 -26.14 11.44
C ARG A 88 17.93 -25.68 11.06
N CYS A 89 18.70 -25.30 12.04
CA CYS A 89 20.01 -24.77 11.78
C CYS A 89 21.06 -25.81 12.04
N SER A 90 22.33 -25.48 11.85
CA SER A 90 23.37 -26.49 12.00
C SER A 90 23.30 -26.95 13.41
N GLY A 91 23.23 -28.25 13.62
CA GLY A 91 23.02 -28.79 14.94
C GLY A 91 21.54 -28.91 15.15
N GLY A 92 21.10 -29.67 16.15
CA GLY A 92 19.69 -29.98 16.27
C GLY A 92 18.88 -28.70 16.45
N MET A 93 19.56 -27.64 16.82
CA MET A 93 18.93 -26.38 17.17
C MET A 93 17.92 -25.79 16.20
N ARG A 94 16.81 -25.33 16.74
CA ARG A 94 15.74 -24.74 15.98
C ARG A 94 15.60 -23.25 16.30
N LEU A 95 15.42 -22.42 15.30
CA LEU A 95 15.31 -20.98 15.49
C LEU A 95 14.00 -20.44 15.00
N THR A 96 13.34 -19.65 15.84
CA THR A 96 12.06 -19.04 15.52
C THR A 96 12.27 -17.74 14.74
N ALA A 97 11.61 -17.64 13.59
CA ALA A 97 11.58 -16.41 12.82
C ALA A 97 10.17 -15.86 12.84
N THR A 98 10.05 -14.54 12.93
CA THR A 98 8.74 -13.89 12.89
C THR A 98 8.71 -12.85 11.77
N TYR A 99 7.56 -12.77 11.12
CA TYR A 99 7.35 -11.82 10.04
C TYR A 99 5.85 -11.60 9.88
N ARG A 100 5.46 -10.72 8.97
CA ARG A 100 4.05 -10.40 8.78
C ARG A 100 3.59 -10.59 7.35
N TYR A 101 2.48 -11.33 7.21
CA TYR A 101 1.80 -11.44 5.94
C TYR A 101 0.75 -10.35 5.82
N ILE A 102 0.97 -9.43 4.89
CA ILE A 102 0.07 -8.29 4.72
C ILE A 102 -1.20 -8.73 4.00
N LEU A 103 -2.33 -8.30 4.52
CA LEU A 103 -3.61 -8.61 3.97
C LEU A 103 -4.23 -7.46 3.20
N SER A 104 -4.00 -6.24 3.64
CA SER A 104 -4.53 -5.07 2.97
C SER A 104 -3.64 -3.87 3.16
N CYS A 105 -3.57 -3.03 2.15
CA CYS A 105 -2.81 -1.81 2.19
C CYS A 105 -3.73 -0.60 2.12
N HIS A 106 -3.42 0.45 2.86
CA HIS A 106 -4.13 1.70 2.68
C HIS A 106 -3.23 2.94 2.69
N CYS A 107 -3.84 4.09 2.46
CA CYS A 107 -3.11 5.35 2.50
C CYS A 107 -3.34 6.07 3.81
N GLU A 108 -2.28 6.26 4.59
CA GLU A 108 -2.38 6.97 5.86
C GLU A 108 -1.31 8.04 5.97
N GLU A 109 -1.58 9.03 6.83
CA GLU A 109 -0.67 10.13 7.07
C GLU A 109 0.72 9.63 7.45
N CYS A 110 1.73 10.32 6.93
CA CYS A 110 3.12 9.99 7.20
C CYS A 110 3.40 9.95 8.70
N ASN A 111 3.09 11.06 9.37
CA ASN A 111 3.38 11.20 10.79
C ASN A 111 2.11 11.10 11.63
N SER A 112 1.28 10.09 11.35
CA SER A 112 0.07 9.85 12.12
C SER A 112 -0.51 8.47 11.82
N ASP B 12 10.33 19.03 -14.43
CA ASP B 12 9.31 18.86 -15.47
C ASP B 12 8.37 20.07 -15.47
N SER B 13 7.23 19.93 -16.14
CA SER B 13 6.25 21.00 -16.25
C SER B 13 4.85 20.53 -15.83
N ASP B 14 4.79 19.30 -15.32
CA ASP B 14 3.56 18.72 -14.80
C ASP B 14 2.95 19.62 -13.71
N PRO B 15 1.69 20.05 -13.88
CA PRO B 15 1.17 21.01 -12.90
C PRO B 15 0.80 20.34 -11.57
N ARG B 16 0.88 19.03 -11.55
CA ARG B 16 0.56 18.27 -10.36
C ARG B 16 1.82 17.85 -9.62
N ARG B 17 2.95 18.32 -10.08
CA ARG B 17 4.23 17.98 -9.44
C ARG B 17 4.38 18.68 -8.10
N CYS B 18 5.33 18.22 -7.30
CA CYS B 18 5.67 18.90 -6.06
C CYS B 18 6.33 20.24 -6.37
N MET B 19 5.62 21.32 -6.05
CA MET B 19 6.14 22.66 -6.30
C MET B 19 5.62 23.66 -5.29
N ARG B 20 6.08 24.89 -5.43
CA ARG B 20 5.74 25.98 -4.55
C ARG B 20 4.50 26.71 -5.06
N HIS B 21 3.59 27.03 -4.14
CA HIS B 21 2.39 27.78 -4.48
C HIS B 21 2.31 29.03 -3.61
N HIS B 22 1.78 30.11 -4.17
CA HIS B 22 1.64 31.35 -3.43
C HIS B 22 0.18 31.62 -3.07
N TYR B 23 -0.02 32.08 -1.85
CA TYR B 23 -1.32 32.34 -1.30
C TYR B 23 -1.23 33.43 -0.27
N VAL B 24 -2.34 34.06 0.07
CA VAL B 24 -2.35 35.06 1.13
C VAL B 24 -3.26 34.61 2.26
N ASP B 25 -3.02 35.16 3.43
CA ASP B 25 -3.77 34.82 4.61
C ASP B 25 -3.88 36.04 5.49
N SER B 26 -4.91 36.08 6.33
CA SER B 26 -5.11 37.19 7.26
C SER B 26 -4.65 36.76 8.64
N ILE B 27 -3.77 37.52 9.23
CA ILE B 27 -3.18 37.20 10.51
C ILE B 27 -3.68 38.10 11.61
N SER B 28 -4.08 37.51 12.73
CA SER B 28 -4.58 38.27 13.87
C SER B 28 -3.92 37.78 15.16
N HIS B 29 -3.44 38.71 15.99
CA HIS B 29 -2.89 38.36 17.29
C HIS B 29 -4.04 38.06 18.26
N PRO B 30 -4.02 36.89 18.93
CA PRO B 30 -5.15 36.50 19.78
C PRO B 30 -5.17 37.12 21.18
N LEU B 31 -4.15 37.90 21.51
CA LEU B 31 -3.92 38.34 22.89
C LEU B 31 -3.99 39.86 23.02
N TYR B 32 -3.83 40.56 21.90
CA TYR B 32 -3.93 42.00 21.89
C TYR B 32 -4.89 42.43 20.80
N LYS B 33 -5.40 43.64 20.89
CA LYS B 33 -6.36 44.11 19.91
C LYS B 33 -5.58 44.79 18.82
N CYS B 34 -5.53 44.18 17.66
CA CYS B 34 -4.73 44.71 16.58
C CYS B 34 -5.45 44.57 15.27
N SER B 35 -5.06 45.40 14.33
CA SER B 35 -5.53 45.30 12.98
C SER B 35 -5.07 44.01 12.36
N SER B 36 -6.01 43.27 11.80
CA SER B 36 -5.66 42.07 11.03
C SER B 36 -4.68 42.45 9.94
N MET B 38 -2.69 41.28 6.23
CA MET B 38 -2.52 40.43 5.06
C MET B 38 -1.04 40.11 4.89
N VAL B 39 -0.76 38.87 4.50
CA VAL B 39 0.61 38.43 4.29
C VAL B 39 0.66 37.42 3.15
N LEU B 40 1.58 37.63 2.22
CA LEU B 40 1.78 36.70 1.13
C LEU B 40 2.67 35.56 1.59
N LEU B 41 2.18 34.34 1.48
CA LEU B 41 2.88 33.16 1.97
C LEU B 41 3.12 32.20 0.86
N ALA B 42 3.94 31.20 1.10
CA ALA B 42 4.19 30.14 0.15
C ALA B 42 4.08 28.80 0.84
N ARG B 43 3.56 27.81 0.10
CA ARG B 43 3.46 26.45 0.61
C ARG B 43 3.99 25.48 -0.44
N CYS B 44 4.37 24.28 0.00
CA CYS B 44 4.69 23.20 -0.90
C CYS B 44 3.45 22.34 -1.08
N GLU B 45 3.15 21.92 -2.29
CA GLU B 45 2.07 20.99 -2.54
C GLU B 45 2.20 20.30 -3.89
N GLY B 46 1.85 19.02 -3.94
CA GLY B 46 1.92 18.26 -5.16
C GLY B 46 2.03 16.76 -4.96
N HIS B 47 2.35 16.04 -6.03
CA HIS B 47 2.51 14.61 -5.95
C HIS B 47 3.92 14.25 -6.28
N CYS B 48 4.55 13.48 -5.43
CA CYS B 48 5.91 13.07 -5.66
C CYS B 48 5.90 11.94 -6.66
N SER B 49 6.91 11.89 -7.49
CA SER B 49 6.97 10.88 -8.52
C SER B 49 7.23 9.49 -7.98
N GLN B 50 7.81 9.38 -6.80
CA GLN B 50 8.16 8.08 -6.27
C GLN B 50 7.00 7.37 -5.60
N ALA B 51 6.68 6.18 -6.04
CA ALA B 51 5.67 5.37 -5.38
C ALA B 51 6.11 5.05 -3.97
N SER B 52 5.20 5.20 -3.02
CA SER B 52 5.48 4.82 -1.64
C SER B 52 5.30 3.31 -1.53
N ARG B 53 5.96 2.68 -0.56
CA ARG B 53 5.89 1.23 -0.43
C ARG B 53 6.31 0.74 0.95
N SER B 54 5.98 -0.53 1.23
CA SER B 54 6.22 -1.13 2.53
C SER B 54 6.28 -2.66 2.42
N GLU B 55 7.34 -3.26 2.95
CA GLU B 55 7.50 -4.71 2.98
C GLU B 55 7.71 -5.24 4.36
N PRO B 56 7.47 -6.51 4.56
CA PRO B 56 7.73 -7.10 5.88
C PRO B 56 9.21 -7.37 6.08
N LEU B 57 9.65 -7.29 7.34
CA LEU B 57 11.02 -7.69 7.70
C LEU B 57 10.92 -8.93 8.58
N VAL B 58 11.97 -9.73 8.61
CA VAL B 58 11.99 -10.94 9.42
C VAL B 58 12.91 -10.76 10.63
N SER B 59 12.36 -10.98 11.83
CA SER B 59 13.14 -10.94 13.05
C SER B 59 13.61 -12.32 13.47
N PHE B 60 14.75 -12.37 14.15
CA PHE B 60 15.25 -13.58 14.79
C PHE B 60 15.61 -13.23 16.22
N SER B 61 15.97 -14.22 17.00
CA SER B 61 16.43 -13.99 18.34
C SER B 61 17.56 -12.97 18.35
N THR B 62 18.43 -13.03 17.37
CA THR B 62 19.56 -12.16 17.33
C THR B 62 19.42 -11.07 16.32
N VAL B 63 18.28 -11.01 15.68
CA VAL B 63 18.01 -9.99 14.68
C VAL B 63 16.75 -9.21 15.04
N LEU B 64 16.91 -8.09 15.73
CA LEU B 64 15.80 -7.21 16.08
C LEU B 64 15.43 -6.30 14.91
N GLN B 66 12.05 -4.07 12.78
CA GLN B 66 10.71 -3.51 12.78
C GLN B 66 9.82 -4.38 11.92
N PRO B 67 8.49 -4.32 12.13
CA PRO B 67 7.57 -5.14 11.35
C PRO B 67 7.74 -4.93 9.85
N PHE B 68 7.92 -3.68 9.44
CA PHE B 68 8.05 -3.35 8.03
C PHE B 68 9.17 -2.36 7.73
N ARG B 69 9.68 -2.47 6.51
CA ARG B 69 10.57 -1.47 5.92
C ARG B 69 9.77 -0.64 4.92
N SER B 70 9.69 0.67 5.14
CA SER B 70 8.83 1.52 4.31
C SER B 70 9.59 2.67 3.65
N SER B 71 9.04 3.14 2.54
CA SER B 71 9.53 4.35 1.89
C SER B 71 8.34 5.17 1.38
N CYS B 72 8.41 6.47 1.59
CA CYS B 72 7.36 7.36 1.21
C CYS B 72 7.86 8.79 1.06
N HIS B 73 7.56 9.39 -0.07
CA HIS B 73 8.05 10.70 -0.39
C HIS B 73 7.00 11.77 -0.24
N CYS B 74 7.35 12.82 0.46
CA CYS B 74 6.44 13.90 0.74
C CYS B 74 6.93 15.22 0.19
N CYS B 75 6.04 16.07 -0.28
CA CYS B 75 6.40 17.39 -0.77
C CYS B 75 6.61 18.35 0.38
N ARG B 76 7.84 18.78 0.55
CA ARG B 76 8.21 19.59 1.70
C ARG B 76 9.13 20.76 1.33
N PRO B 77 9.24 21.74 2.23
CA PRO B 77 10.21 22.83 2.04
C PRO B 77 11.65 22.30 1.99
N GLN B 78 12.40 22.70 0.97
CA GLN B 78 13.80 22.30 0.87
C GLN B 78 14.67 23.42 1.42
N THR B 79 14.35 24.65 1.00
CA THR B 79 14.96 25.85 1.55
C THR B 79 13.85 26.82 1.93
N SER B 80 14.04 27.48 3.06
CA SER B 80 13.11 28.50 3.53
C SER B 80 13.92 29.64 4.10
N LEU B 82 13.57 32.86 7.35
CA LEU B 82 12.81 33.54 8.36
C LEU B 82 12.34 34.85 7.84
N ALA B 84 9.66 38.28 8.97
CA ALA B 84 9.03 38.94 10.12
C ALA B 84 7.78 39.69 9.70
N LEU B 85 6.83 39.79 10.62
CA LEU B 85 5.57 40.46 10.36
C LEU B 85 5.23 41.45 11.47
N ARG B 86 5.50 42.73 11.20
CA ARG B 86 5.21 43.78 12.18
C ARG B 86 3.71 44.06 12.16
N LEU B 87 3.05 43.93 13.30
CA LEU B 87 1.64 44.27 13.41
C LEU B 87 1.45 45.72 13.80
N ARG B 88 0.29 46.26 13.50
CA ARG B 88 -0.14 47.58 13.92
C ARG B 88 -1.24 47.43 14.94
N CYS B 89 -1.00 47.87 16.17
CA CYS B 89 -1.86 47.55 17.28
C CYS B 89 -2.51 48.72 18.03
N SER B 90 -2.72 48.55 19.33
CA SER B 90 -3.21 49.60 20.23
C SER B 90 -2.17 50.67 20.06
N GLY B 91 -2.56 51.94 20.08
CA GLY B 91 -1.94 52.94 19.26
C GLY B 91 -0.45 52.96 19.50
N GLY B 92 -0.04 52.72 20.74
CA GLY B 92 1.38 52.65 21.04
C GLY B 92 2.26 51.57 20.41
N MET B 93 1.79 50.32 20.34
CA MET B 93 2.71 49.20 20.20
C MET B 93 2.73 48.47 18.87
N ARG B 94 3.84 47.78 18.64
CA ARG B 94 3.98 46.94 17.48
C ARG B 94 4.49 45.57 17.86
N LEU B 95 3.66 44.59 17.61
CA LEU B 95 3.99 43.19 17.86
C LEU B 95 4.54 42.60 16.58
N THR B 96 5.36 41.55 16.71
CA THR B 96 6.07 40.99 15.57
C THR B 96 5.88 39.49 15.49
N ALA B 97 5.23 39.03 14.43
CA ALA B 97 5.11 37.61 14.15
C ALA B 97 6.25 37.16 13.25
N THR B 98 6.56 35.88 13.28
CA THR B 98 7.53 35.33 12.36
C THR B 98 7.03 34.03 11.79
N TYR B 99 7.67 33.61 10.70
CA TYR B 99 7.31 32.37 10.05
C TYR B 99 8.30 32.12 8.97
N ARG B 100 8.31 30.92 8.43
CA ARG B 100 9.26 30.58 7.38
C ARG B 100 8.65 30.88 6.01
N TYR B 101 9.33 31.70 5.22
CA TYR B 101 8.96 31.89 3.82
C TYR B 101 9.67 30.83 3.00
N ILE B 102 8.90 29.92 2.41
CA ILE B 102 9.46 28.82 1.64
C ILE B 102 9.99 29.34 0.31
N LEU B 103 11.22 28.95 -0.02
CA LEU B 103 11.88 29.39 -1.25
C LEU B 103 11.88 28.28 -2.29
N SER B 104 12.03 27.04 -1.83
CA SER B 104 11.97 25.88 -2.74
C SER B 104 11.33 24.67 -2.06
N CYS B 105 10.84 23.76 -2.89
CA CYS B 105 10.23 22.52 -2.42
C CYS B 105 10.99 21.34 -3.01
N HIS B 106 10.94 20.21 -2.32
CA HIS B 106 11.45 18.97 -2.89
C HIS B 106 10.70 17.78 -2.29
N CYS B 107 10.87 16.63 -2.89
CA CYS B 107 10.28 15.41 -2.39
C CYS B 107 11.21 14.70 -1.46
N GLU B 108 10.78 14.49 -0.25
CA GLU B 108 11.64 14.03 0.82
C GLU B 108 11.08 12.77 1.49
N GLU B 109 11.97 11.90 1.93
CA GLU B 109 11.57 10.67 2.62
C GLU B 109 10.74 11.01 3.85
N CYS B 110 9.61 10.33 4.00
CA CYS B 110 8.64 10.64 5.05
C CYS B 110 9.29 10.70 6.44
N ASN B 111 9.94 9.62 6.85
CA ASN B 111 10.62 9.56 8.13
C ASN B 111 12.12 9.52 7.94
N SER B 112 12.73 10.70 7.96
CA SER B 112 14.15 10.87 7.67
C SER B 112 15.03 10.34 8.81
N ARG C 5 12.47 -18.04 -17.67
CA ARG C 5 11.92 -18.75 -18.83
C ARG C 5 10.73 -19.61 -18.42
N ARG C 6 10.27 -19.45 -17.18
CA ARG C 6 9.25 -20.33 -16.62
C ARG C 6 7.84 -19.75 -16.66
N CYS C 7 7.72 -18.43 -16.53
CA CYS C 7 6.41 -17.77 -16.44
C CYS C 7 6.07 -16.93 -17.67
N ASP C 8 4.79 -16.88 -18.00
CA ASP C 8 4.30 -16.07 -19.11
C ASP C 8 3.60 -14.82 -18.59
N PRO C 9 3.60 -13.74 -19.39
CA PRO C 9 2.89 -12.54 -18.93
C PRO C 9 1.38 -12.74 -18.99
N ILE C 10 0.65 -11.88 -18.30
CA ILE C 10 -0.81 -11.97 -18.26
C ILE C 10 -1.42 -11.17 -19.40
N ARG C 11 -2.13 -11.86 -20.26
CA ARG C 11 -2.73 -11.26 -21.43
C ARG C 11 -4.21 -11.01 -21.27
N ILE C 12 -4.77 -11.36 -20.12
CA ILE C 12 -6.16 -11.09 -19.86
C ILE C 12 -6.31 -9.76 -19.16
N SER C 13 -6.97 -8.82 -19.81
CA SER C 13 -6.98 -7.47 -19.35
C SER C 13 -7.56 -7.27 -17.96
N MET C 14 -8.68 -7.92 -17.66
CA MET C 14 -9.34 -7.74 -16.39
C MET C 14 -8.60 -8.40 -15.24
N CYS C 15 -7.52 -9.07 -15.53
CA CYS C 15 -6.72 -9.69 -14.51
C CYS C 15 -5.31 -9.09 -14.41
N GLN C 16 -5.13 -7.91 -14.95
CA GLN C 16 -3.86 -7.19 -14.90
C GLN C 16 -3.86 -6.17 -13.77
N ASN C 17 -2.68 -5.94 -13.20
CA ASN C 17 -2.50 -4.97 -12.14
C ASN C 17 -3.34 -5.29 -10.91
N LEU C 18 -3.18 -6.50 -10.41
CA LEU C 18 -3.92 -6.94 -9.26
C LEU C 18 -3.00 -7.38 -8.13
N GLY C 19 -1.73 -7.44 -8.41
CA GLY C 19 -0.73 -7.76 -7.41
C GLY C 19 0.36 -8.71 -7.90
N TYR C 20 0.15 -9.33 -9.06
CA TYR C 20 1.19 -10.14 -9.68
C TYR C 20 1.17 -9.96 -11.19
N ASN C 21 2.31 -10.23 -11.84
CA ASN C 21 2.54 -9.80 -13.21
C ASN C 21 2.62 -10.92 -14.24
N VAL C 22 2.80 -12.15 -13.78
CA VAL C 22 2.89 -13.31 -14.67
C VAL C 22 2.09 -14.49 -14.16
N THR C 23 1.79 -15.41 -15.07
CA THR C 23 1.00 -16.59 -14.75
C THR C 23 1.54 -17.79 -15.52
N MET C 25 -0.20 -21.41 -17.69
CA MET C 25 -1.26 -22.34 -18.05
C MET C 25 -0.65 -23.75 -18.05
N PRO C 26 -1.46 -24.77 -17.71
CA PRO C 26 -2.90 -24.70 -17.44
C PRO C 26 -3.23 -24.09 -16.08
N ASN C 27 -4.43 -23.51 -15.97
CA ASN C 27 -4.86 -22.91 -14.72
C ASN C 27 -5.53 -23.92 -13.80
N LEU C 28 -6.07 -23.45 -12.69
CA LEU C 28 -6.66 -24.32 -11.67
C LEU C 28 -7.97 -24.94 -12.11
N VAL C 29 -8.44 -24.57 -13.30
CA VAL C 29 -9.76 -24.99 -13.75
C VAL C 29 -9.66 -25.88 -14.99
N GLY C 30 -8.50 -25.88 -15.63
CA GLY C 30 -8.23 -26.80 -16.73
C GLY C 30 -7.82 -26.16 -18.04
N HIS C 31 -8.17 -24.90 -18.23
CA HIS C 31 -7.89 -24.21 -19.48
C HIS C 31 -6.40 -24.27 -19.80
N GLU C 32 -6.07 -24.44 -21.08
CA GLU C 32 -4.68 -24.53 -21.52
C GLU C 32 -4.24 -23.23 -22.17
N LEU C 33 -5.20 -22.36 -22.45
CA LEU C 33 -4.93 -21.05 -23.04
C LEU C 33 -5.60 -19.95 -22.22
N GLN C 34 -4.87 -18.86 -22.02
CA GLN C 34 -5.42 -17.67 -21.37
C GLN C 34 -6.67 -17.18 -22.09
N THR C 35 -6.71 -17.40 -23.40
CA THR C 35 -7.81 -16.92 -24.21
C THR C 35 -9.12 -17.64 -23.83
N ASP C 36 -9.00 -18.92 -23.50
CA ASP C 36 -10.15 -19.69 -23.03
C ASP C 36 -10.57 -19.22 -21.65
N ALA C 37 -9.57 -18.94 -20.81
CA ALA C 37 -9.81 -18.48 -19.45
C ALA C 37 -10.50 -17.12 -19.45
N GLU C 38 -10.08 -16.26 -20.36
CA GLU C 38 -10.66 -14.94 -20.46
C GLU C 38 -12.10 -15.04 -20.81
N LEU C 39 -12.39 -15.88 -21.76
CA LEU C 39 -13.75 -16.08 -22.24
C LEU C 39 -14.69 -16.47 -21.12
N GLN C 40 -14.28 -17.45 -20.31
CA GLN C 40 -15.10 -17.94 -19.22
C GLN C 40 -15.20 -16.90 -18.10
N LEU C 41 -14.13 -16.13 -17.91
CA LEU C 41 -14.13 -15.07 -16.91
C LEU C 41 -15.23 -14.05 -17.17
N THR C 42 -15.51 -13.81 -18.44
CA THR C 42 -16.49 -12.86 -18.84
C THR C 42 -17.87 -13.18 -18.31
N THR C 43 -18.14 -14.43 -18.03
CA THR C 43 -19.42 -14.87 -17.50
C THR C 43 -19.65 -14.33 -16.09
N PHE C 44 -18.59 -13.79 -15.48
CA PHE C 44 -18.65 -13.27 -14.11
C PHE C 44 -18.73 -11.75 -14.06
N THR C 45 -18.70 -11.09 -15.22
CA THR C 45 -18.61 -9.62 -15.26
C THR C 45 -19.77 -8.94 -14.52
N PRO C 46 -21.02 -9.41 -14.74
CA PRO C 46 -22.15 -8.81 -14.03
C PRO C 46 -22.01 -8.87 -12.51
N LEU C 47 -21.65 -10.05 -12.01
CA LEU C 47 -21.46 -10.28 -10.60
C LEU C 47 -20.43 -9.35 -10.01
N ILE C 48 -19.35 -9.15 -10.74
CA ILE C 48 -18.33 -8.22 -10.36
C ILE C 48 -18.85 -6.81 -10.34
N GLN C 49 -19.67 -6.47 -11.28
CA GLN C 49 -20.23 -5.14 -11.39
C GLN C 49 -21.11 -4.79 -10.20
N TYR C 50 -21.83 -5.77 -9.72
CA TYR C 50 -22.75 -5.60 -8.63
C TYR C 50 -22.16 -5.30 -7.27
N GLY C 51 -20.87 -5.47 -7.09
CA GLY C 51 -20.25 -5.11 -5.84
C GLY C 51 -20.52 -6.11 -4.76
N CYS C 52 -20.70 -7.31 -5.22
CA CYS C 52 -20.99 -8.44 -4.43
C CYS C 52 -19.93 -8.69 -3.40
N SER C 53 -18.68 -8.68 -3.83
CA SER C 53 -17.58 -8.75 -2.91
C SER C 53 -16.42 -8.02 -3.51
N SER C 54 -15.77 -7.19 -2.73
CA SER C 54 -14.64 -6.46 -3.20
C SER C 54 -13.50 -7.37 -3.58
N GLN C 55 -13.54 -8.61 -3.15
CA GLN C 55 -12.49 -9.56 -3.46
C GLN C 55 -12.77 -10.42 -4.68
N LEU C 56 -13.98 -10.37 -5.18
CA LEU C 56 -14.37 -11.26 -6.27
C LEU C 56 -13.46 -11.29 -7.47
N GLN C 57 -13.19 -10.14 -8.04
CA GLN C 57 -12.36 -10.06 -9.24
C GLN C 57 -10.97 -10.66 -9.00
N PHE C 58 -10.37 -10.37 -7.87
CA PHE C 58 -9.08 -10.90 -7.56
C PHE C 58 -9.13 -12.41 -7.37
N PHE C 59 -10.12 -12.89 -6.67
CA PHE C 59 -10.27 -14.32 -6.43
C PHE C 59 -10.41 -15.11 -7.73
N LEU C 60 -11.27 -14.63 -8.62
CA LEU C 60 -11.47 -15.30 -9.91
C LEU C 60 -10.19 -15.33 -10.74
N CYS C 61 -9.51 -14.18 -10.83
CA CYS C 61 -8.25 -14.11 -11.56
C CYS C 61 -7.21 -15.06 -10.98
N SER C 62 -7.16 -15.16 -9.65
CA SER C 62 -6.20 -16.04 -8.99
C SER C 62 -6.46 -17.50 -9.31
N VAL C 63 -7.68 -17.79 -9.76
CA VAL C 63 -8.05 -19.14 -10.16
C VAL C 63 -7.86 -19.35 -11.66
N TYR C 64 -8.24 -18.35 -12.45
CA TYR C 64 -8.25 -18.48 -13.91
C TYR C 64 -6.91 -18.16 -14.54
N VAL C 65 -6.16 -17.25 -13.91
CA VAL C 65 -4.79 -16.95 -14.32
C VAL C 65 -3.94 -16.89 -13.07
N PRO C 66 -3.64 -18.05 -12.47
CA PRO C 66 -2.94 -18.13 -11.19
C PRO C 66 -1.59 -17.45 -11.22
N MET C 67 -1.14 -16.97 -10.06
CA MET C 67 0.18 -16.37 -9.93
C MET C 67 1.24 -17.41 -10.21
N CYS C 68 2.17 -17.06 -11.09
CA CYS C 68 3.33 -17.89 -11.37
C CYS C 68 4.57 -17.18 -10.86
N THR C 69 5.50 -17.95 -10.32
CA THR C 69 6.81 -17.41 -9.93
C THR C 69 7.88 -18.39 -10.36
N GLU C 70 9.03 -17.85 -10.75
CA GLU C 70 10.12 -18.66 -11.30
C GLU C 70 10.72 -19.55 -10.22
N LYS C 71 10.43 -19.22 -8.96
CA LYS C 71 11.10 -19.83 -7.83
C LYS C 71 10.47 -21.15 -7.34
N ILE C 72 9.41 -21.60 -8.00
CA ILE C 72 8.81 -22.89 -7.64
C ILE C 72 7.92 -23.45 -8.77
N ASN C 73 7.80 -24.77 -8.79
CA ASN C 73 7.15 -25.51 -9.86
C ASN C 73 5.62 -25.48 -9.91
N ILE C 74 4.97 -24.94 -8.88
CA ILE C 74 3.50 -24.89 -8.85
C ILE C 74 2.96 -23.46 -8.95
N PRO C 75 1.71 -23.31 -9.41
CA PRO C 75 1.09 -21.99 -9.43
C PRO C 75 0.55 -21.61 -8.06
N ILE C 76 0.35 -20.32 -7.81
CA ILE C 76 -0.19 -19.86 -6.55
C ILE C 76 -1.59 -19.30 -6.75
N GLY C 77 -2.57 -19.94 -6.11
CA GLY C 77 -3.96 -19.53 -6.23
C GLY C 77 -4.48 -18.99 -4.92
N PRO C 78 -5.81 -18.98 -4.75
CA PRO C 78 -6.40 -18.40 -3.55
C PRO C 78 -6.46 -19.39 -2.40
N CYS C 79 -6.53 -18.92 -1.18
CA CYS C 79 -6.71 -19.82 -0.09
C CYS C 79 -8.17 -20.05 0.04
N GLY C 80 -8.51 -21.12 0.72
CA GLY C 80 -9.88 -21.52 0.90
C GLY C 80 -10.68 -20.48 1.60
N GLY C 81 -10.05 -19.74 2.48
CA GLY C 81 -10.73 -18.71 3.21
C GLY C 81 -11.25 -17.54 2.40
N MET C 82 -10.55 -17.18 1.35
CA MET C 82 -10.98 -16.14 0.47
C MET C 82 -12.15 -16.61 -0.36
N CYS C 83 -12.10 -17.84 -0.82
CA CYS C 83 -13.17 -18.45 -1.54
C CYS C 83 -14.45 -18.39 -0.72
N LEU C 84 -14.42 -18.86 0.50
CA LEU C 84 -15.59 -18.86 1.34
C LEU C 84 -16.14 -17.48 1.59
N SER C 85 -15.25 -16.55 1.79
CA SER C 85 -15.58 -15.17 1.96
C SER C 85 -16.32 -14.57 0.79
N VAL C 86 -15.84 -14.81 -0.40
CA VAL C 86 -16.45 -14.36 -1.60
C VAL C 86 -17.74 -15.10 -1.82
N ARG C 88 -19.79 -16.59 0.24
CA ARG C 88 -20.86 -16.25 1.14
C ARG C 88 -21.57 -14.96 0.79
N ARG C 89 -20.87 -14.07 0.16
CA ARG C 89 -21.45 -12.84 -0.32
C ARG C 89 -21.98 -12.97 -1.72
N CYS C 90 -21.39 -13.84 -2.52
CA CYS C 90 -21.72 -13.89 -3.92
C CYS C 90 -22.68 -14.99 -4.35
N GLU C 91 -22.65 -16.12 -3.69
CA GLU C 91 -23.52 -17.22 -4.02
C GLU C 91 -24.98 -16.84 -3.99
N PRO C 92 -25.40 -16.15 -2.95
CA PRO C 92 -26.80 -15.74 -2.89
C PRO C 92 -27.25 -14.89 -4.08
N VAL C 93 -26.37 -14.07 -4.61
CA VAL C 93 -26.70 -13.27 -5.76
C VAL C 93 -26.86 -14.15 -6.98
N LEU C 94 -26.02 -15.14 -7.11
CA LEU C 94 -26.13 -16.08 -8.21
C LEU C 94 -27.46 -16.83 -8.17
N LYS C 95 -27.87 -17.25 -6.98
CA LYS C 95 -29.11 -18.00 -6.80
C LYS C 95 -30.32 -17.16 -7.19
N GLU C 96 -30.25 -15.86 -6.94
CA GLU C 96 -31.30 -14.94 -7.34
C GLU C 96 -31.49 -14.97 -8.85
N PHE C 97 -30.43 -15.31 -9.57
CA PHE C 97 -30.48 -15.43 -11.01
C PHE C 97 -30.66 -16.89 -11.47
N GLY C 98 -30.91 -17.79 -10.51
CA GLY C 98 -31.15 -19.18 -10.85
C GLY C 98 -29.89 -19.95 -11.17
N PHE C 99 -28.75 -19.45 -10.72
CA PHE C 99 -27.46 -20.13 -10.91
C PHE C 99 -26.87 -20.61 -9.59
N ALA C 100 -26.02 -21.63 -9.68
CA ALA C 100 -25.34 -22.18 -8.52
C ALA C 100 -23.90 -21.67 -8.44
N TRP C 101 -23.33 -21.73 -7.26
CA TRP C 101 -21.92 -21.52 -7.11
C TRP C 101 -21.21 -22.63 -7.81
N PRO C 102 -20.39 -22.24 -8.87
CA PRO C 102 -19.87 -23.36 -9.67
C PRO C 102 -18.97 -24.35 -8.99
N GLU C 103 -19.07 -25.61 -9.37
CA GLU C 103 -18.27 -26.67 -8.75
C GLU C 103 -16.78 -26.44 -8.97
N SER C 104 -16.45 -25.68 -10.00
CA SER C 104 -15.06 -25.37 -10.32
C SER C 104 -14.45 -24.44 -9.28
N LEU C 105 -15.28 -23.76 -8.53
CA LEU C 105 -14.82 -22.87 -7.48
C LEU C 105 -15.20 -23.36 -6.10
N ASN C 106 -15.34 -24.66 -5.97
CA ASN C 106 -15.53 -25.31 -4.71
C ASN C 106 -14.45 -24.92 -3.74
N CYS C 107 -14.80 -24.23 -2.68
CA CYS C 107 -13.85 -23.64 -1.78
C CYS C 107 -13.02 -24.68 -1.09
N SER C 108 -13.49 -25.91 -1.09
CA SER C 108 -12.82 -26.93 -0.36
C SER C 108 -11.72 -27.56 -1.16
N LYS C 109 -11.50 -27.09 -2.36
CA LYS C 109 -10.40 -27.58 -3.16
C LYS C 109 -9.25 -26.62 -3.19
N PHE C 110 -9.26 -25.66 -2.28
CA PHE C 110 -8.18 -24.71 -2.14
C PHE C 110 -7.52 -24.93 -0.80
N PRO C 111 -6.16 -24.61 -0.74
CA PRO C 111 -5.57 -24.77 0.59
C PRO C 111 -6.26 -23.93 1.60
N PRO C 112 -6.35 -24.44 2.89
CA PRO C 112 -7.14 -23.61 3.81
C PRO C 112 -6.48 -22.34 4.28
N GLN C 113 -5.16 -22.23 4.23
CA GLN C 113 -4.53 -20.99 4.60
C GLN C 113 -3.07 -20.88 4.19
N ASN C 114 -2.59 -19.66 4.09
CA ASN C 114 -1.25 -19.48 3.56
C ASN C 114 -0.15 -19.80 4.56
N ASP C 115 0.57 -20.88 4.29
CA ASP C 115 1.75 -21.25 5.07
C ASP C 115 2.80 -21.87 4.15
N HIS C 116 3.96 -22.20 4.70
CA HIS C 116 5.03 -22.85 3.95
C HIS C 116 4.56 -24.17 3.33
N ASN C 117 3.68 -24.88 4.04
CA ASN C 117 3.17 -26.17 3.56
C ASN C 117 2.44 -26.07 2.23
N HIS C 118 1.84 -24.90 1.97
CA HIS C 118 1.09 -24.68 0.74
C HIS C 118 0.87 -23.18 0.55
N MET C 119 1.41 -22.65 -0.54
CA MET C 119 1.26 -21.23 -0.83
C MET C 119 -0.07 -20.92 -1.48
N CYS C 120 -0.80 -19.99 -0.88
CA CYS C 120 -2.05 -19.51 -1.42
C CYS C 120 -2.23 -18.08 -0.95
N MET C 121 -2.94 -17.27 -1.74
CA MET C 121 -3.11 -15.87 -1.42
C MET C 121 -4.33 -15.63 -0.56
N GLU C 122 -4.12 -15.03 0.60
CA GLU C 122 -5.22 -14.70 1.46
C GLU C 122 -5.65 -13.30 1.21
N GLY C 123 -6.75 -12.92 1.81
CA GLY C 123 -7.28 -11.59 1.67
C GLY C 123 -7.77 -11.10 3.01
N PRO C 124 -8.28 -9.80 3.02
CA PRO C 124 -8.67 -9.33 4.36
C PRO C 124 -9.88 -9.99 5.02
N GLY C 125 -9.77 -10.25 6.31
CA GLY C 125 -10.80 -10.94 7.07
C GLY C 125 -12.14 -10.21 7.15
N ASP C 126 -12.20 -9.02 6.58
CA ASP C 126 -13.34 -8.11 6.76
C ASP C 126 -13.40 -7.05 5.66
#